data_3EXM
#
_entry.id   3EXM
#
_cell.length_a   36.941
_cell.length_b   79.706
_cell.length_c   82.507
_cell.angle_alpha   90.00
_cell.angle_beta   90.00
_cell.angle_gamma   90.00
#
_symmetry.space_group_name_H-M   'P 21 21 21'
#
loop_
_entity.id
_entity.type
_entity.pdbx_description
1 polymer 'Phosphatase SC4828'
2 non-polymer 'CALCIUM ION'
3 non-polymer 'SODIUM ION'
4 non-polymer 'PHOSPHOMETHYLPHOSPHONIC ACID GUANOSYL ESTER'
5 non-polymer GLYCEROL
6 water water
#
_entity_poly.entity_id   1
_entity_poly.type   'polypeptide(L)'
_entity_poly.pdbx_seq_one_letter_code
;GMTDGEAVSAAAGPGAEGPPGPVGHWAPGSHILWRYRENGGPHVHIARPVTVVRDDADLLAVWLAPGTECVKPVLADGTP
VHLEPLATRYTKPRTVQRDQWFGTGVLKLARPGEAWSVWLFWDPGWRFKNWYVNLERPLTRWEGGVDSEDHFLDISVHPD
RTWHWRDEDEFAQALRDGLMDPASAGRVRRAGRSAVAEIRAWGSPFADGWEHWRPDPAWPVPSLPGDWDRTPAHVSS
;
_entity_poly.pdbx_strand_id   A
#
loop_
_chem_comp.id
_chem_comp.type
_chem_comp.name
_chem_comp.formula
CA non-polymer 'CALCIUM ION' 'Ca 2'
GOL non-polymer GLYCEROL 'C3 H8 O3'
GP2 non-polymer 'PHOSPHOMETHYLPHOSPHONIC ACID GUANOSYL ESTER' 'C11 H17 N5 O10 P2'
NA non-polymer 'SODIUM ION' 'Na 1'
#
# COMPACT_ATOMS: atom_id res chain seq x y z
N GLY A 24 -2.24 15.44 15.25
CA GLY A 24 -1.63 14.71 16.39
C GLY A 24 -1.27 13.31 15.92
N HIS A 25 -0.74 12.50 16.82
CA HIS A 25 -0.27 11.17 16.43
C HIS A 25 -1.02 10.09 17.17
N TRP A 26 -1.15 8.93 16.53
CA TRP A 26 -1.80 7.80 17.17
C TRP A 26 -0.83 7.06 18.07
N ALA A 27 -1.33 6.62 19.23
CA ALA A 27 -0.50 5.81 20.13
C ALA A 27 -0.28 4.43 19.51
N PRO A 28 0.92 3.84 19.72
CA PRO A 28 1.08 2.44 19.31
C PRO A 28 -0.04 1.57 19.90
N GLY A 29 -0.52 0.62 19.07
CA GLY A 29 -1.62 -0.25 19.44
C GLY A 29 -2.97 0.25 18.95
N SER A 30 -3.04 1.53 18.54
CA SER A 30 -4.31 2.11 18.02
C SER A 30 -4.75 1.36 16.77
N HIS A 31 -6.04 1.33 16.53
CA HIS A 31 -6.56 0.78 15.28
C HIS A 31 -6.93 1.89 14.32
N ILE A 32 -6.43 1.79 13.09
CA ILE A 32 -6.80 2.76 12.06
C ILE A 32 -7.06 2.04 10.75
N LEU A 33 -7.49 2.79 9.74
CA LEU A 33 -7.68 2.23 8.40
C LEU A 33 -6.64 2.77 7.46
N TRP A 34 -6.07 1.88 6.66
CA TRP A 34 -5.15 2.29 5.59
C TRP A 34 -5.90 2.01 4.28
N ARG A 35 -6.15 3.06 3.51
CA ARG A 35 -7.08 2.98 2.38
C ARG A 35 -6.51 3.48 1.08
N TYR A 36 -6.93 2.87 -0.04
CA TYR A 36 -6.72 3.45 -1.37
C TYR A 36 -8.05 3.71 -2.09
N ARG A 37 -8.13 4.86 -2.74
CA ARG A 37 -9.28 5.18 -3.60
C ARG A 37 -9.21 4.39 -4.90
N GLU A 38 -10.37 4.21 -5.53
CA GLU A 38 -10.42 3.70 -6.89
C GLU A 38 -9.54 4.56 -7.80
N ASN A 39 -9.05 3.97 -8.88
CA ASN A 39 -8.25 4.71 -9.83
C ASN A 39 -9.13 5.78 -10.51
N GLY A 40 -8.73 7.04 -10.39
CA GLY A 40 -9.42 8.16 -11.05
C GLY A 40 -10.86 8.37 -10.60
N GLY A 41 -11.12 8.06 -9.33
CA GLY A 41 -12.44 8.31 -8.75
C GLY A 41 -12.31 8.56 -7.26
N PRO A 42 -13.39 9.06 -6.64
CA PRO A 42 -13.37 9.50 -5.25
C PRO A 42 -13.59 8.40 -4.21
N HIS A 43 -14.12 7.25 -4.61
CA HIS A 43 -14.53 6.19 -3.65
C HIS A 43 -13.41 5.26 -3.18
N VAL A 44 -13.48 4.81 -1.93
CA VAL A 44 -12.51 3.86 -1.41
C VAL A 44 -12.73 2.49 -2.04
N HIS A 45 -11.65 1.89 -2.55
N HIS A 45 -11.66 1.88 -2.57
CA HIS A 45 -11.70 0.52 -3.06
CA HIS A 45 -11.77 0.50 -3.03
C HIS A 45 -10.85 -0.50 -2.30
C HIS A 45 -10.93 -0.50 -2.21
N ILE A 46 -9.92 0.00 -1.49
CA ILE A 46 -9.10 -0.86 -0.62
C ILE A 46 -9.19 -0.22 0.77
N ALA A 47 -9.56 -1.01 1.76
CA ALA A 47 -9.62 -0.56 3.15
C ALA A 47 -9.05 -1.66 4.02
N ARG A 48 -7.98 -1.36 4.72
CA ARG A 48 -7.29 -2.37 5.53
C ARG A 48 -7.18 -1.88 6.97
N PRO A 49 -7.94 -2.52 7.89
CA PRO A 49 -7.73 -2.25 9.33
C PRO A 49 -6.30 -2.69 9.72
N VAL A 50 -5.60 -1.78 10.40
CA VAL A 50 -4.22 -2.02 10.82
C VAL A 50 -3.99 -1.51 12.23
N THR A 51 -2.94 -2.06 12.86
CA THR A 51 -2.54 -1.61 14.21
C THR A 51 -1.33 -0.69 14.08
N VAL A 52 -1.40 0.48 14.71
CA VAL A 52 -0.28 1.43 14.66
C VAL A 52 0.90 0.86 15.45
N VAL A 53 2.04 0.74 14.77
CA VAL A 53 3.33 0.34 15.38
CA VAL A 53 3.29 0.33 15.46
C VAL A 53 4.12 1.56 15.89
N ARG A 54 4.15 2.60 15.04
CA ARG A 54 4.85 3.85 15.34
C ARG A 54 4.16 4.96 14.57
N ASP A 55 4.07 6.14 15.15
CA ASP A 55 3.46 7.26 14.43
C ASP A 55 4.10 8.53 14.95
N ASP A 56 5.01 9.08 14.16
CA ASP A 56 5.63 10.36 14.52
C ASP A 56 5.98 11.15 13.26
N ALA A 57 6.56 12.34 13.45
CA ALA A 57 6.89 13.18 12.30
C ALA A 57 7.76 12.51 11.23
N ASP A 58 8.53 11.48 11.60
CA ASP A 58 9.43 10.86 10.65
C ASP A 58 8.87 9.60 9.99
N LEU A 59 7.89 8.96 10.62
CA LEU A 59 7.42 7.65 10.10
C LEU A 59 6.08 7.25 10.69
N LEU A 60 5.26 6.69 9.82
CA LEU A 60 4.08 5.93 10.22
C LEU A 60 4.38 4.49 9.87
N ALA A 61 4.25 3.62 10.87
CA ALA A 61 4.46 2.17 10.65
C ALA A 61 3.21 1.52 11.18
N VAL A 62 2.65 0.62 10.38
CA VAL A 62 1.46 -0.16 10.82
C VAL A 62 1.61 -1.63 10.52
N TRP A 63 0.83 -2.44 11.25
CA TRP A 63 0.85 -3.91 11.12
C TRP A 63 -0.49 -4.39 10.61
N LEU A 64 -0.49 -5.11 9.50
CA LEU A 64 -1.69 -5.69 8.90
C LEU A 64 -1.62 -7.19 9.18
N ALA A 65 -2.45 -7.63 10.14
CA ALA A 65 -2.37 -9.01 10.66
C ALA A 65 -3.04 -10.02 9.73
N PRO A 66 -2.52 -11.28 9.73
CA PRO A 66 -3.21 -12.32 8.97
C PRO A 66 -4.66 -12.44 9.45
N GLY A 67 -5.59 -12.68 8.53
CA GLY A 67 -7.00 -12.91 8.92
C GLY A 67 -7.83 -11.64 9.12
N THR A 68 -7.18 -10.48 9.02
CA THR A 68 -7.94 -9.23 9.13
C THR A 68 -8.98 -9.11 8.03
N GLU A 69 -10.21 -8.70 8.38
CA GLU A 69 -11.22 -8.41 7.37
C GLU A 69 -10.91 -7.09 6.67
N CYS A 70 -10.74 -7.19 5.35
CA CYS A 70 -10.41 -6.02 4.52
C CYS A 70 -11.44 -5.84 3.41
N VAL A 71 -11.34 -4.71 2.72
CA VAL A 71 -12.06 -4.46 1.47
C VAL A 71 -11.07 -4.35 0.31
N LYS A 72 -11.45 -4.99 -0.80
CA LYS A 72 -10.66 -5.01 -2.04
C LYS A 72 -11.60 -4.85 -3.24
N PRO A 73 -11.07 -4.34 -4.36
CA PRO A 73 -11.87 -4.24 -5.58
C PRO A 73 -12.03 -5.59 -6.28
N VAL A 74 -13.16 -5.73 -6.93
CA VAL A 74 -13.40 -6.85 -7.81
C VAL A 74 -14.12 -6.29 -9.03
N LEU A 75 -14.17 -7.04 -10.11
CA LEU A 75 -15.00 -6.60 -11.23
C LEU A 75 -16.47 -6.64 -10.84
N ALA A 76 -17.30 -5.87 -11.54
CA ALA A 76 -18.74 -5.76 -11.24
C ALA A 76 -19.43 -7.13 -11.15
N ASP A 77 -18.87 -8.14 -11.82
CA ASP A 77 -19.43 -9.50 -11.70
C ASP A 77 -18.81 -10.32 -10.56
N GLY A 78 -18.05 -9.64 -9.69
CA GLY A 78 -17.43 -10.27 -8.53
C GLY A 78 -16.12 -10.98 -8.83
N THR A 79 -15.83 -11.17 -10.12
CA THR A 79 -14.59 -11.87 -10.54
C THR A 79 -13.31 -11.00 -10.32
N PRO A 80 -12.15 -11.66 -10.20
CA PRO A 80 -10.94 -10.95 -9.79
C PRO A 80 -10.35 -10.02 -10.84
N VAL A 81 -9.96 -8.83 -10.39
CA VAL A 81 -9.34 -7.83 -11.24
C VAL A 81 -8.15 -8.40 -12.02
N HIS A 82 -7.28 -9.15 -11.34
CA HIS A 82 -6.05 -9.64 -11.96
C HIS A 82 -6.30 -10.58 -13.16
N LEU A 83 -7.50 -11.16 -13.24
CA LEU A 83 -7.80 -12.14 -14.28
C LEU A 83 -8.40 -11.51 -15.53
N GLU A 84 -8.84 -10.26 -15.42
CA GLU A 84 -9.27 -9.47 -16.56
C GLU A 84 -8.06 -9.14 -17.45
N PRO A 85 -8.18 -9.36 -18.77
CA PRO A 85 -7.08 -9.02 -19.65
C PRO A 85 -6.67 -7.56 -19.49
N LEU A 86 -5.38 -7.29 -19.65
CA LEU A 86 -4.81 -5.97 -19.45
C LEU A 86 -5.57 -4.89 -20.23
N ALA A 87 -5.99 -5.23 -21.45
CA ALA A 87 -6.66 -4.29 -22.35
C ALA A 87 -7.90 -3.63 -21.74
N THR A 88 -8.58 -4.37 -20.85
CA THR A 88 -9.81 -3.88 -20.21
C THR A 88 -9.78 -3.92 -18.67
N ARG A 89 -8.67 -4.40 -18.09
CA ARG A 89 -8.52 -4.52 -16.63
C ARG A 89 -8.86 -3.22 -15.89
N TYR A 90 -8.60 -2.09 -16.54
CA TYR A 90 -8.80 -0.77 -15.94
C TYR A 90 -9.94 0.02 -16.60
N THR A 91 -10.75 -0.66 -17.41
CA THR A 91 -11.87 -0.02 -18.10
C THR A 91 -13.20 -0.63 -17.66
N LYS A 92 -13.18 -1.92 -17.33
CA LYS A 92 -14.39 -2.62 -16.91
C LYS A 92 -14.87 -2.13 -15.54
N PRO A 93 -16.21 -2.00 -15.37
CA PRO A 93 -16.77 -1.54 -14.10
C PRO A 93 -16.38 -2.43 -12.91
N ARG A 94 -16.14 -1.76 -11.78
CA ARG A 94 -15.71 -2.43 -10.55
C ARG A 94 -16.69 -2.22 -9.41
N THR A 95 -16.57 -3.08 -8.42
CA THR A 95 -17.24 -2.92 -7.15
C THR A 95 -16.23 -3.30 -6.06
N VAL A 96 -16.71 -3.43 -4.83
CA VAL A 96 -15.84 -3.79 -3.72
C VAL A 96 -16.33 -5.10 -3.10
N GLN A 97 -15.42 -5.81 -2.44
CA GLN A 97 -15.77 -7.03 -1.75
C GLN A 97 -14.98 -7.10 -0.44
N ARG A 98 -15.64 -7.57 0.62
CA ARG A 98 -14.96 -7.89 1.87
C ARG A 98 -14.22 -9.25 1.74
N ASP A 99 -12.97 -9.28 2.18
CA ASP A 99 -12.20 -10.52 2.10
C ASP A 99 -11.15 -10.47 3.17
N GLN A 100 -10.83 -11.62 3.75
CA GLN A 100 -9.76 -11.61 4.75
C GLN A 100 -8.37 -11.47 4.12
N TRP A 101 -7.44 -10.85 4.85
CA TRP A 101 -6.04 -10.78 4.42
C TRP A 101 -5.46 -12.20 4.47
N PHE A 102 -5.12 -12.73 3.30
CA PHE A 102 -4.56 -14.09 3.23
C PHE A 102 -3.07 -14.14 3.54
N GLY A 103 -2.59 -15.33 3.86
CA GLY A 103 -1.15 -15.50 4.08
C GLY A 103 -0.65 -14.79 5.31
N THR A 104 0.62 -14.41 5.28
CA THR A 104 1.27 -13.77 6.41
C THR A 104 0.97 -12.25 6.45
N GLY A 105 1.15 -11.68 7.64
CA GLY A 105 0.86 -10.24 7.83
C GLY A 105 1.95 -9.41 7.19
N VAL A 106 1.63 -8.15 6.95
CA VAL A 106 2.54 -7.21 6.34
CA VAL A 106 2.56 -7.20 6.33
C VAL A 106 2.76 -5.99 7.24
N LEU A 107 4.00 -5.53 7.29
CA LEU A 107 4.32 -4.28 7.96
C LEU A 107 4.43 -3.20 6.88
N LYS A 108 3.71 -2.09 7.07
CA LYS A 108 3.76 -0.96 6.11
C LYS A 108 4.42 0.25 6.75
N LEU A 109 5.32 0.89 6.00
CA LEU A 109 6.10 2.01 6.55
C LEU A 109 5.97 3.18 5.58
N ALA A 110 5.67 4.35 6.12
CA ALA A 110 5.55 5.53 5.24
C ALA A 110 6.07 6.79 5.91
N ARG A 111 6.97 7.49 5.22
N ARG A 111 7.01 7.48 5.25
CA ARG A 111 7.46 8.81 5.62
CA ARG A 111 7.46 8.77 5.74
C ARG A 111 6.38 9.84 5.28
C ARG A 111 6.44 9.84 5.31
N PRO A 112 5.98 10.68 6.25
CA PRO A 112 5.04 11.78 5.90
C PRO A 112 5.47 12.60 4.69
N GLY A 113 4.54 12.83 3.75
CA GLY A 113 4.83 13.65 2.56
C GLY A 113 5.48 12.91 1.40
N GLU A 114 5.94 11.68 1.62
CA GLU A 114 6.66 10.91 0.59
C GLU A 114 5.72 10.14 -0.34
N ALA A 115 6.06 10.11 -1.64
CA ALA A 115 5.17 9.53 -2.66
C ALA A 115 5.38 8.01 -2.85
N TRP A 116 5.67 7.33 -1.73
CA TRP A 116 5.65 5.89 -1.69
C TRP A 116 5.58 5.44 -0.23
N SER A 117 5.18 4.20 -0.04
CA SER A 117 5.33 3.51 1.22
C SER A 117 6.14 2.26 0.95
N VAL A 118 6.72 1.67 2.00
CA VAL A 118 7.47 0.44 1.83
C VAL A 118 6.84 -0.63 2.69
N TRP A 119 6.52 -1.77 2.09
CA TRP A 119 5.86 -2.85 2.83
C TRP A 119 6.83 -4.02 2.93
N LEU A 120 6.81 -4.71 4.06
CA LEU A 120 7.69 -5.88 4.23
C LEU A 120 6.84 -7.13 4.17
N PHE A 121 7.35 -8.08 3.38
CA PHE A 121 6.71 -9.38 3.22
C PHE A 121 7.63 -10.50 3.73
N TRP A 122 7.04 -11.41 4.52
CA TRP A 122 7.73 -12.61 5.00
C TRP A 122 6.97 -13.86 4.61
N ASP A 123 7.70 -14.95 4.50
CA ASP A 123 7.07 -16.29 4.39
C ASP A 123 6.89 -16.85 5.80
N PRO A 124 6.08 -17.93 5.96
CA PRO A 124 5.91 -18.56 7.28
C PRO A 124 7.21 -18.85 7.99
N GLY A 125 7.20 -18.68 9.31
CA GLY A 125 8.42 -18.80 10.10
C GLY A 125 9.22 -17.49 10.09
N TRP A 126 8.56 -16.40 9.66
CA TRP A 126 9.23 -15.07 9.58
C TRP A 126 10.49 -15.17 8.72
N ARG A 127 10.38 -15.89 7.61
CA ARG A 127 11.48 -15.92 6.63
C ARG A 127 11.31 -14.69 5.73
N PHE A 128 12.19 -13.71 5.90
CA PHE A 128 11.96 -12.44 5.21
C PHE A 128 12.09 -12.64 3.71
N LYS A 129 11.12 -12.09 2.95
CA LYS A 129 11.10 -12.26 1.50
C LYS A 129 11.58 -11.03 0.75
N ASN A 130 10.95 -9.90 1.02
CA ASN A 130 11.29 -8.68 0.27
C ASN A 130 10.65 -7.43 0.85
N TRP A 131 11.27 -6.28 0.55
CA TRP A 131 10.61 -5.00 0.70
C TRP A 131 9.88 -4.71 -0.60
N TYR A 132 8.74 -4.04 -0.48
CA TYR A 132 7.89 -3.73 -1.61
C TYR A 132 7.65 -2.22 -1.59
N VAL A 133 8.13 -1.52 -2.60
CA VAL A 133 7.96 -0.05 -2.63
C VAL A 133 6.71 0.21 -3.43
N ASN A 134 5.70 0.74 -2.74
CA ASN A 134 4.43 1.03 -3.38
C ASN A 134 4.37 2.52 -3.72
N LEU A 135 4.67 2.85 -4.97
CA LEU A 135 4.58 4.26 -5.40
C LEU A 135 3.11 4.71 -5.29
N GLU A 136 2.87 5.85 -4.67
CA GLU A 136 1.48 6.26 -4.39
C GLU A 136 1.40 7.74 -4.06
N ARG A 137 0.19 8.31 -4.11
CA ARG A 137 -0.01 9.68 -3.65
C ARG A 137 0.39 9.74 -2.18
N PRO A 138 1.19 10.74 -1.77
CA PRO A 138 1.55 10.77 -0.34
C PRO A 138 0.30 10.62 0.55
N LEU A 139 0.39 9.78 1.57
CA LEU A 139 -0.78 9.49 2.42
C LEU A 139 -1.34 10.78 3.00
N THR A 140 -2.68 10.87 3.00
N THR A 140 -2.67 10.86 3.07
CA THR A 140 -3.39 11.93 3.70
CA THR A 140 -3.36 11.98 3.70
C THR A 140 -4.01 11.36 4.98
C THR A 140 -4.15 11.53 4.93
N ARG A 141 -3.75 12.06 6.09
CA ARG A 141 -4.29 11.63 7.37
C ARG A 141 -5.69 12.19 7.56
N TRP A 142 -6.56 11.36 8.14
CA TRP A 142 -7.88 11.81 8.58
C TRP A 142 -8.18 11.14 9.92
N GLU A 143 -9.34 11.44 10.52
CA GLU A 143 -9.67 10.95 11.86
C GLU A 143 -9.48 9.41 12.01
N GLY A 144 -9.85 8.68 10.96
CA GLY A 144 -9.91 7.21 11.02
C GLY A 144 -8.73 6.49 10.39
N GLY A 145 -7.75 7.24 9.88
CA GLY A 145 -6.56 6.58 9.28
C GLY A 145 -5.88 7.39 8.20
N VAL A 146 -5.43 6.69 7.16
CA VAL A 146 -4.65 7.31 6.09
C VAL A 146 -5.16 6.84 4.71
N ASP A 147 -5.26 7.79 3.77
CA ASP A 147 -5.80 7.51 2.43
C ASP A 147 -4.79 7.84 1.35
N SER A 148 -4.83 7.07 0.26
CA SER A 148 -3.92 7.32 -0.87
C SER A 148 -4.58 6.86 -2.17
N GLU A 149 -3.83 6.98 -3.27
CA GLU A 149 -4.20 6.53 -4.61
C GLU A 149 -2.97 5.79 -5.12
N ASP A 150 -3.14 4.57 -5.61
CA ASP A 150 -1.98 3.76 -6.02
C ASP A 150 -1.49 4.27 -7.36
N HIS A 151 -0.18 4.23 -7.58
CA HIS A 151 0.40 4.76 -8.82
C HIS A 151 0.86 3.64 -9.79
N PHE A 152 0.40 2.40 -9.54
CA PHE A 152 0.52 1.24 -10.46
C PHE A 152 1.92 0.64 -10.44
N LEU A 153 2.91 1.44 -10.79
CA LEU A 153 4.32 1.00 -10.77
C LEU A 153 4.78 0.71 -9.33
N ASP A 154 5.45 -0.44 -9.14
CA ASP A 154 6.02 -0.79 -7.83
C ASP A 154 7.48 -1.21 -8.00
N ILE A 155 8.17 -1.38 -6.87
CA ILE A 155 9.55 -1.87 -6.88
C ILE A 155 9.66 -2.98 -5.88
N SER A 156 10.34 -4.07 -6.26
CA SER A 156 10.65 -5.15 -5.32
C SER A 156 12.12 -5.07 -4.96
N VAL A 157 12.43 -5.12 -3.67
CA VAL A 157 13.82 -5.11 -3.21
C VAL A 157 14.13 -6.38 -2.43
N HIS A 158 15.19 -7.06 -2.80
CA HIS A 158 15.52 -8.34 -2.17
C HIS A 158 16.55 -8.21 -1.05
N PRO A 159 16.61 -9.20 -0.13
CA PRO A 159 17.53 -9.09 0.99
C PRO A 159 19.00 -8.89 0.61
N ASP A 160 19.37 -9.30 -0.61
CA ASP A 160 20.74 -9.09 -1.11
C ASP A 160 20.98 -7.69 -1.69
N ARG A 161 19.99 -6.81 -1.53
CA ARG A 161 20.04 -5.39 -1.92
C ARG A 161 19.78 -5.14 -3.41
N THR A 162 19.52 -6.20 -4.16
CA THR A 162 19.13 -6.00 -5.56
C THR A 162 17.65 -5.59 -5.65
N TRP A 163 17.27 -5.06 -6.81
CA TRP A 163 15.92 -4.53 -6.97
C TRP A 163 15.44 -4.68 -8.42
N HIS A 164 14.11 -4.71 -8.57
CA HIS A 164 13.53 -4.69 -9.91
C HIS A 164 12.15 -4.04 -9.87
N TRP A 165 11.69 -3.60 -11.03
CA TRP A 165 10.34 -3.05 -11.12
C TRP A 165 9.30 -4.15 -11.06
N ARG A 166 8.09 -3.76 -10.64
N ARG A 166 8.09 -3.78 -10.66
CA ARG A 166 6.89 -4.58 -10.79
CA ARG A 166 6.94 -4.65 -10.86
C ARG A 166 5.82 -3.76 -11.50
C ARG A 166 5.78 -3.82 -11.42
N ASP A 167 5.01 -4.46 -12.30
CA ASP A 167 3.82 -3.86 -12.96
C ASP A 167 4.09 -2.65 -13.87
N GLU A 168 5.25 -2.62 -14.52
CA GLU A 168 5.50 -1.66 -15.60
C GLU A 168 4.37 -1.70 -16.64
N ASP A 169 3.88 -2.90 -16.95
CA ASP A 169 2.86 -3.08 -17.99
C ASP A 169 1.49 -2.51 -17.58
N GLU A 170 1.16 -2.67 -16.30
CA GLU A 170 -0.05 -2.07 -15.73
C GLU A 170 0.04 -0.54 -15.66
N PHE A 171 1.22 -0.04 -15.30
CA PHE A 171 1.52 1.39 -15.36
C PHE A 171 1.31 1.94 -16.79
N ALA A 172 1.88 1.24 -17.77
CA ALA A 172 1.70 1.63 -19.18
C ALA A 172 0.23 1.61 -19.59
N GLN A 173 -0.48 0.56 -19.19
CA GLN A 173 -1.90 0.43 -19.53
C GLN A 173 -2.72 1.57 -18.93
N ALA A 174 -2.41 1.93 -17.68
CA ALA A 174 -3.10 2.99 -16.98
C ALA A 174 -2.94 4.34 -17.68
N LEU A 175 -1.77 4.61 -18.25
CA LEU A 175 -1.63 5.86 -18.97
C LEU A 175 -2.35 5.82 -20.33
N ARG A 176 -2.36 4.65 -20.96
CA ARG A 176 -3.10 4.42 -22.22
C ARG A 176 -4.59 4.68 -22.03
N ASP A 177 -5.13 4.26 -20.88
CA ASP A 177 -6.55 4.43 -20.58
C ASP A 177 -6.85 5.78 -19.90
N GLY A 178 -5.85 6.66 -19.84
CA GLY A 178 -6.03 8.02 -19.32
C GLY A 178 -6.25 8.10 -17.82
N LEU A 179 -5.98 7.00 -17.11
CA LEU A 179 -5.98 7.02 -15.65
C LEU A 179 -4.87 7.97 -15.16
N MET A 180 -3.93 8.28 -16.07
CA MET A 180 -2.85 9.23 -15.80
CA MET A 180 -2.92 9.29 -15.78
C MET A 180 -2.53 10.15 -16.96
N ASP A 181 -2.24 11.40 -16.65
CA ASP A 181 -1.73 12.40 -17.60
C ASP A 181 -0.26 12.08 -17.88
N PRO A 182 0.31 12.65 -18.96
CA PRO A 182 1.77 12.62 -19.12
C PRO A 182 2.49 13.20 -17.88
N ALA A 183 1.92 14.26 -17.30
CA ALA A 183 2.51 14.97 -16.17
C ALA A 183 2.47 14.15 -14.87
N SER A 184 1.33 13.51 -14.62
CA SER A 184 1.18 12.63 -13.47
C SER A 184 2.11 11.43 -13.60
N ALA A 185 2.15 10.85 -14.79
CA ALA A 185 3.06 9.74 -15.08
C ALA A 185 4.51 10.15 -14.83
N GLY A 186 4.87 11.36 -15.28
CA GLY A 186 6.21 11.91 -15.04
C GLY A 186 6.56 12.01 -13.55
N ARG A 187 5.59 12.45 -12.76
CA ARG A 187 5.77 12.56 -11.31
C ARG A 187 5.97 11.18 -10.68
N VAL A 188 5.25 10.17 -11.18
CA VAL A 188 5.43 8.79 -10.70
C VAL A 188 6.86 8.29 -11.04
N ARG A 189 7.30 8.55 -12.27
CA ARG A 189 8.65 8.13 -12.70
C ARG A 189 9.75 8.79 -11.86
N ARG A 190 9.55 10.07 -11.56
CA ARG A 190 10.44 10.82 -10.65
C ARG A 190 10.48 10.15 -9.27
N ALA A 191 9.30 9.83 -8.73
CA ALA A 191 9.25 9.16 -7.42
C ALA A 191 10.02 7.85 -7.51
N GLY A 192 9.80 7.11 -8.60
CA GLY A 192 10.52 5.85 -8.84
C GLY A 192 12.03 6.04 -8.78
N ARG A 193 12.53 7.07 -9.46
CA ARG A 193 13.97 7.38 -9.48
C ARG A 193 14.49 7.71 -8.07
N SER A 194 13.70 8.48 -7.30
CA SER A 194 14.07 8.82 -5.93
CA SER A 194 14.05 8.82 -5.92
C SER A 194 14.15 7.58 -5.04
N ALA A 195 13.16 6.70 -5.16
CA ALA A 195 13.15 5.45 -4.38
C ALA A 195 14.35 4.57 -4.77
N VAL A 196 14.62 4.47 -6.07
CA VAL A 196 15.80 3.69 -6.52
C VAL A 196 17.09 4.29 -5.94
N ALA A 197 17.16 5.63 -5.90
CA ALA A 197 18.34 6.29 -5.29
C ALA A 197 18.53 5.84 -3.84
N GLU A 198 17.42 5.77 -3.09
CA GLU A 198 17.46 5.29 -1.69
C GLU A 198 17.87 3.81 -1.59
N ILE A 199 17.42 3.00 -2.55
CA ILE A 199 17.78 1.57 -2.58
C ILE A 199 19.29 1.42 -2.84
N ARG A 200 19.79 2.15 -3.85
CA ARG A 200 21.20 2.09 -4.18
C ARG A 200 22.09 2.55 -3.01
N ALA A 201 21.65 3.60 -2.32
CA ALA A 201 22.38 4.12 -1.18
C ALA A 201 22.20 3.27 0.10
N TRP A 202 21.28 2.31 0.03
CA TRP A 202 20.82 1.54 1.18
C TRP A 202 20.45 2.45 2.36
N GLY A 203 19.53 3.38 2.07
CA GLY A 203 19.00 4.27 3.09
C GLY A 203 17.79 3.70 3.80
N SER A 204 17.03 4.57 4.48
CA SER A 204 15.80 4.16 5.19
C SER A 204 14.66 3.89 4.19
N PRO A 205 13.79 2.92 4.49
CA PRO A 205 13.84 2.03 5.69
C PRO A 205 14.58 0.71 5.44
N PHE A 206 15.16 0.55 4.25
CA PHE A 206 15.82 -0.71 3.88
C PHE A 206 16.90 -1.10 4.87
N ALA A 207 17.66 -0.11 5.32
CA ALA A 207 18.81 -0.37 6.19
C ALA A 207 18.45 -0.56 7.66
N ASP A 208 17.16 -0.44 7.98
CA ASP A 208 16.76 -0.20 9.35
C ASP A 208 16.30 -1.44 10.14
N GLY A 209 16.45 -2.61 9.54
CA GLY A 209 16.25 -3.85 10.29
C GLY A 209 14.83 -4.18 10.66
N TRP A 210 13.87 -3.56 9.97
CA TRP A 210 12.48 -3.89 10.19
C TRP A 210 12.18 -5.34 9.84
N GLU A 211 13.03 -5.97 9.03
CA GLU A 211 12.84 -7.39 8.72
C GLU A 211 12.88 -8.26 9.99
N HIS A 212 13.49 -7.72 11.08
CA HIS A 212 13.60 -8.42 12.35
C HIS A 212 12.52 -8.05 13.38
N TRP A 213 11.66 -7.09 13.02
CA TRP A 213 10.58 -6.60 13.88
C TRP A 213 9.50 -7.69 13.97
N ARG A 214 8.86 -7.77 15.13
CA ARG A 214 7.76 -8.74 15.32
C ARG A 214 6.62 -8.04 16.06
N PRO A 215 5.38 -8.43 15.76
CA PRO A 215 4.25 -7.77 16.40
C PRO A 215 4.12 -8.21 17.86
N ASP A 216 3.46 -7.39 18.69
CA ASP A 216 3.18 -7.75 20.07
C ASP A 216 2.14 -8.88 20.00
N PRO A 217 2.42 -10.06 20.61
CA PRO A 217 1.44 -11.18 20.52
C PRO A 217 0.11 -10.94 21.24
N ALA A 218 0.06 -9.88 22.05
CA ALA A 218 -1.16 -9.51 22.76
C ALA A 218 -2.12 -8.65 21.91
N TRP A 219 -1.63 -8.11 20.79
CA TRP A 219 -2.46 -7.27 19.94
C TRP A 219 -3.59 -8.09 19.32
N PRO A 220 -4.84 -7.63 19.48
CA PRO A 220 -5.95 -8.32 18.81
C PRO A 220 -5.96 -8.01 17.31
N VAL A 221 -6.70 -8.82 16.57
CA VAL A 221 -6.93 -8.49 15.15
C VAL A 221 -8.01 -7.41 15.08
N PRO A 222 -7.69 -6.24 14.49
CA PRO A 222 -8.70 -5.17 14.42
C PRO A 222 -9.86 -5.52 13.49
N SER A 223 -11.05 -5.08 13.85
CA SER A 223 -12.27 -5.26 13.06
C SER A 223 -12.39 -4.28 11.89
N LEU A 224 -13.12 -4.69 10.85
CA LEU A 224 -13.47 -3.76 9.78
C LEU A 224 -14.69 -2.96 10.26
N PRO A 225 -14.54 -1.63 10.41
CA PRO A 225 -15.66 -0.79 10.84
C PRO A 225 -16.79 -0.84 9.81
N GLY A 226 -18.03 -0.78 10.29
CA GLY A 226 -19.19 -0.80 9.40
C GLY A 226 -19.18 0.41 8.46
N ASP A 227 -18.50 1.50 8.87
CA ASP A 227 -18.44 2.74 8.09
C ASP A 227 -17.03 2.96 7.49
N TRP A 228 -16.43 1.85 7.05
CA TRP A 228 -15.08 1.85 6.48
C TRP A 228 -14.92 2.76 5.26
N ASP A 229 -16.04 3.11 4.62
CA ASP A 229 -16.05 3.82 3.35
C ASP A 229 -16.25 5.33 3.47
N ARG A 230 -16.49 5.81 4.69
CA ARG A 230 -16.73 7.25 4.86
C ARG A 230 -15.56 8.11 4.36
N THR A 231 -15.88 9.24 3.76
CA THR A 231 -14.89 10.11 3.16
C THR A 231 -15.01 11.51 3.76
N PRO A 232 -14.03 11.90 4.60
CA PRO A 232 -14.09 13.26 5.22
C PRO A 232 -13.95 14.33 4.14
N ALA A 233 -14.49 15.52 4.37
CA ALA A 233 -14.43 16.58 3.38
C ALA A 233 -12.98 17.03 3.19
CA CA B . 1.08 -0.46 -6.18
CA CA C . 1.39 -2.54 -9.23
CA CA D . 0.82 -6.27 -8.72
NA NA E . 8.04 16.57 7.94
NA NA F . 4.94 -21.47 15.15
O6 GP2 G . -4.63 -10.59 1.23
C6 GP2 G . -3.41 -10.49 0.93
C5 GP2 G . -2.98 -9.69 -0.14
N7 GP2 G . -3.62 -8.91 -1.05
C4 GP2 G . -1.62 -9.63 -0.41
N3 GP2 G . -0.70 -10.31 0.35
C2 GP2 G . -1.13 -11.08 1.38
N1 GP2 G . -2.47 -11.15 1.66
N2 GP2 G . -0.21 -11.74 2.13
N9 GP2 G . -1.46 -8.81 -1.45
C8 GP2 G . -2.68 -8.37 -1.86
C1' GP2 G . -0.14 -8.50 -2.04
C2' GP2 G . -0.06 -9.23 -3.38
O2' GP2 G . 0.92 -10.27 -3.29
C3' GP2 G . 0.34 -8.19 -4.38
O3' GP2 G . 1.41 -8.65 -5.21
O4' GP2 G . 0.04 -7.10 -2.30
C4' GP2 G . 0.71 -6.96 -3.56
C5' GP2 G . 0.22 -5.71 -4.27
O5' GP2 G . -1.15 -5.91 -4.59
PA GP2 G . -1.76 -5.70 -6.07
O1A GP2 G . -1.02 -6.68 -6.97
O2A GP2 G . -3.25 -5.92 -6.03
C3A GP2 G . -1.21 -4.22 -6.47
PB GP2 G . -0.06 -3.10 -6.78
O1B GP2 G . 0.35 -2.54 -5.41
O3B GP2 G . 0.88 -4.07 -7.47
O2B GP2 G . -0.38 -1.94 -7.72
C1 GOL H . 10.06 5.02 -14.38
O1 GOL H . 10.56 5.19 -13.06
C2 GOL H . 9.44 3.65 -14.65
O2 GOL H . 10.42 2.64 -14.73
C3 GOL H . 8.64 3.67 -15.95
O3 GOL H . 8.26 2.35 -16.29
#